data_6M01
#
_entry.id   6M01
#
_cell.length_a   88.090
_cell.length_b   91.680
_cell.length_c   73.740
_cell.angle_alpha   90.000
_cell.angle_beta   100.970
_cell.angle_gamma   90.000
#
_symmetry.space_group_name_H-M   'C 1 2 1'
#
loop_
_entity.id
_entity.type
_entity.pdbx_description
1 polymer 'Putative ATP-dependent b-aminoacyl-ACP synthetase'
2 polymer 'Putative ACP'
3 non-polymer "ADENOSINE-5'-DIPHOSPHATE"
4 non-polymer GLYCEROL
5 non-polymer N-[2-(acetylamino)ethyl]-N~3~-[(2R)-2-hydroxy-3,3-dimethyl-4-(phosphonooxy)butanoyl]-beta-alaninamide
6 water water
#
loop_
_entity_poly.entity_id
_entity_poly.type
_entity_poly.pdbx_seq_one_letter_code
_entity_poly.pdbx_strand_id
1 'polypeptide(L)'
;MNHKVHHHHHHIEGRHMRVISNGRRAARARESVDNLYWFMLAAANSAPDTPAFVTRDGEGGVRTLSYRELRTRVDDFAAA
LAELGLDVDDRVVLEANVTPDAVAMLLACSLLGLPFIPVSPETPSGRLRSILDTAEPALFAQAEDGGRADVPATVGTARF
GAGGLRVERAPRARVRHRREIVGTDTAYIIFTSGTTGRPKGVVMSHRSVVSLYRAILEQGLITPEDRIATTSPLQFCFAL
FDIGLALGTGAALVPVPREELNWPRRFLAFLGDTGATQVHGVPSIWRPVLRHEPELLAGLDRVRGILFTGEDFPLPELRH
LQGLLPHARIVNGYGATESMACSFTEVPRPIPSDLERLSIGFPLPGFDVSLLDEHGRPVEEIGVAGQIHLRAPSMFSGYW
DDPEATARVLVSDPLDPRSGRTVLRSGDLAYRGEDGELYFAGRVDAQVQIRGNRVEPGEVERRLLEFPGISAAVALLVPR
PGNDPVLHAFVVVEPGGADFDKAKARAFCADTLPGYMIPANIVAVDDIPLTVNGKVDRADLATRVAGPF
;
A
2 'polypeptide(L)'
;MNHKVHHHHHHIEGRHMWDDQFEAIVRRYVPFLGPDERLGGGSELRDLGLDSMGTVELLAALEQAYGARFVDDALNMENF
ATPDALWATLSRMITSAA
;
B
#
# COMPACT_ATOMS: atom_id res chain seq x y z
N ARG A 25 -31.33 4.39 -16.58
CA ARG A 25 -30.57 4.45 -17.86
C ARG A 25 -29.09 4.07 -17.66
N ALA A 26 -28.49 4.29 -16.49
CA ALA A 26 -27.10 3.86 -16.21
C ALA A 26 -27.04 2.33 -16.27
N ALA A 27 -26.04 1.78 -16.97
CA ALA A 27 -25.67 0.35 -16.94
C ALA A 27 -25.32 -0.08 -15.51
N ARG A 28 -25.77 -1.26 -15.10
CA ARG A 28 -25.40 -1.86 -13.79
C ARG A 28 -25.03 -3.32 -14.01
N ALA A 29 -23.96 -3.77 -13.38
CA ALA A 29 -23.48 -5.15 -13.51
C ALA A 29 -24.60 -6.09 -13.06
N ARG A 30 -24.81 -7.15 -13.82
CA ARG A 30 -25.77 -8.22 -13.42
C ARG A 30 -25.07 -9.14 -12.41
N GLU A 31 -25.90 -9.73 -11.55
CA GLU A 31 -25.52 -10.54 -10.37
C GLU A 31 -24.65 -11.72 -10.79
N SER A 32 -24.81 -12.24 -12.01
CA SER A 32 -24.04 -13.42 -12.51
C SER A 32 -22.72 -13.00 -13.15
N VAL A 33 -22.43 -11.69 -13.28
CA VAL A 33 -21.20 -11.21 -13.95
C VAL A 33 -20.16 -10.94 -12.85
N ASP A 34 -18.95 -11.46 -13.00
CA ASP A 34 -17.81 -11.14 -12.10
C ASP A 34 -17.74 -9.62 -11.93
N ASN A 35 -17.88 -9.14 -10.71
CA ASN A 35 -17.92 -7.70 -10.37
C ASN A 35 -17.68 -7.54 -8.88
N LEU A 36 -16.89 -6.55 -8.49
CA LEU A 36 -16.53 -6.34 -7.06
C LEU A 36 -17.80 -6.15 -6.23
N TYR A 37 -18.81 -5.47 -6.78
CA TYR A 37 -20.06 -5.15 -6.04
C TYR A 37 -20.66 -6.49 -5.55
N TRP A 38 -20.91 -7.43 -6.48
CA TRP A 38 -21.63 -8.70 -6.17
C TRP A 38 -20.75 -9.59 -5.32
N PHE A 39 -19.47 -9.58 -5.62
CA PHE A 39 -18.52 -10.48 -4.94
C PHE A 39 -18.35 -10.02 -3.48
N MET A 40 -18.12 -8.74 -3.27
CA MET A 40 -17.75 -8.21 -1.92
C MET A 40 -19.02 -8.00 -1.08
N LEU A 41 -20.20 -7.95 -1.70
CA LEU A 41 -21.49 -7.79 -0.96
C LEU A 41 -22.32 -9.08 -0.97
N ALA A 42 -21.75 -10.24 -1.30
CA ALA A 42 -22.49 -11.52 -1.25
C ALA A 42 -22.98 -11.72 0.20
N ALA A 43 -22.14 -11.37 1.18
CA ALA A 43 -22.44 -11.54 2.61
C ALA A 43 -23.63 -10.68 3.01
N ALA A 44 -23.94 -9.60 2.28
CA ALA A 44 -25.14 -8.76 2.52
C ALA A 44 -26.41 -9.62 2.33
N ASN A 45 -26.42 -10.58 1.40
CA ASN A 45 -27.55 -11.52 1.20
C ASN A 45 -27.45 -12.69 2.19
N SER A 46 -26.29 -13.35 2.33
CA SER A 46 -26.16 -14.62 3.08
C SER A 46 -26.01 -14.40 4.58
N ALA A 47 -25.48 -13.25 5.02
CA ALA A 47 -25.21 -12.94 6.45
C ALA A 47 -25.30 -11.44 6.70
N PRO A 48 -26.44 -10.79 6.34
CA PRO A 48 -26.56 -9.32 6.38
C PRO A 48 -26.05 -8.66 7.67
N ASP A 49 -26.33 -9.27 8.82
CA ASP A 49 -26.17 -8.60 10.13
C ASP A 49 -24.85 -9.02 10.79
N THR A 50 -23.91 -9.58 10.03
CA THR A 50 -22.49 -9.73 10.44
C THR A 50 -21.74 -8.43 10.11
N PRO A 51 -20.67 -8.11 10.88
CA PRO A 51 -19.90 -6.91 10.64
C PRO A 51 -19.00 -7.01 9.40
N ALA A 52 -18.95 -5.93 8.62
CA ALA A 52 -18.07 -5.75 7.44
C ALA A 52 -16.93 -4.82 7.81
N PHE A 53 -17.16 -3.93 8.78
CA PHE A 53 -16.20 -2.93 9.29
C PHE A 53 -16.27 -2.81 10.81
N VAL A 54 -15.09 -2.73 11.43
CA VAL A 54 -14.82 -2.31 12.84
C VAL A 54 -13.97 -1.04 12.80
N THR A 55 -14.49 0.04 13.39
CA THR A 55 -13.81 1.35 13.54
C THR A 55 -13.92 1.80 15.01
N ARG A 56 -13.10 2.75 15.43
CA ARG A 56 -13.18 3.29 16.81
C ARG A 56 -13.48 4.78 16.71
N ASP A 57 -14.52 5.26 17.41
CA ASP A 57 -15.01 6.67 17.31
C ASP A 57 -14.00 7.62 17.97
N GLY A 58 -14.28 8.92 17.92
CA GLY A 58 -13.45 9.98 18.56
C GLY A 58 -13.28 9.77 20.05
N GLU A 59 -14.23 9.07 20.70
CA GLU A 59 -14.26 8.81 22.17
C GLU A 59 -13.64 7.44 22.52
N GLY A 60 -12.93 6.81 21.59
CA GLY A 60 -12.28 5.49 21.81
C GLY A 60 -13.27 4.34 21.95
N GLY A 61 -14.53 4.54 21.55
CA GLY A 61 -15.57 3.50 21.47
C GLY A 61 -15.52 2.78 20.13
N VAL A 62 -15.59 1.44 20.15
CA VAL A 62 -15.53 0.58 18.93
C VAL A 62 -16.92 0.47 18.31
N ARG A 63 -17.02 0.71 17.00
CA ARG A 63 -18.30 0.65 16.23
C ARG A 63 -18.15 -0.42 15.15
N THR A 64 -19.26 -1.07 14.80
CA THR A 64 -19.30 -2.01 13.64
C THR A 64 -20.38 -1.53 12.67
N LEU A 65 -20.08 -1.68 11.39
CA LEU A 65 -21.00 -1.53 10.25
C LEU A 65 -21.19 -2.94 9.65
N SER A 66 -22.44 -3.38 9.56
CA SER A 66 -22.82 -4.68 8.99
C SER A 66 -22.75 -4.65 7.45
N TYR A 67 -22.73 -5.84 6.85
CA TYR A 67 -22.85 -6.04 5.38
C TYR A 67 -24.12 -5.34 4.90
N ARG A 68 -25.23 -5.48 5.64
CA ARG A 68 -26.53 -4.86 5.29
C ARG A 68 -26.34 -3.33 5.17
N GLU A 69 -25.75 -2.70 6.18
CA GLU A 69 -25.58 -1.23 6.23
C GLU A 69 -24.61 -0.77 5.13
N LEU A 70 -23.51 -1.51 4.92
CA LEU A 70 -22.51 -1.17 3.87
C LEU A 70 -23.18 -1.22 2.48
N ARG A 71 -23.93 -2.29 2.19
N ARG A 71 -23.98 -2.27 2.20
CA ARG A 71 -24.67 -2.42 0.90
CA ARG A 71 -24.67 -2.44 0.88
C ARG A 71 -25.58 -1.20 0.72
C ARG A 71 -25.71 -1.33 0.69
N THR A 72 -26.33 -0.84 1.77
CA THR A 72 -27.25 0.32 1.76
C THR A 72 -26.50 1.59 1.36
N ARG A 73 -25.35 1.81 1.97
CA ARG A 73 -24.48 2.97 1.64
C ARG A 73 -23.99 2.86 0.19
N VAL A 74 -23.55 1.68 -0.27
CA VAL A 74 -23.03 1.49 -1.67
C VAL A 74 -24.17 1.88 -2.65
N ASP A 75 -25.38 1.38 -2.40
CA ASP A 75 -26.56 1.54 -3.31
C ASP A 75 -26.96 3.02 -3.37
N ASP A 76 -26.92 3.72 -2.22
CA ASP A 76 -27.22 5.17 -2.14
C ASP A 76 -26.18 5.96 -2.97
N PHE A 77 -24.88 5.68 -2.79
CA PHE A 77 -23.79 6.38 -3.54
C PHE A 77 -23.93 6.07 -5.04
N ALA A 78 -24.37 4.86 -5.40
CA ALA A 78 -24.52 4.40 -6.80
C ALA A 78 -25.67 5.14 -7.47
N ALA A 79 -26.81 5.25 -6.78
CA ALA A 79 -27.97 6.04 -7.23
C ALA A 79 -27.50 7.46 -7.52
N ALA A 80 -26.68 8.07 -6.65
CA ALA A 80 -26.15 9.45 -6.81
C ALA A 80 -25.12 9.52 -7.97
N LEU A 81 -24.21 8.56 -8.08
CA LEU A 81 -23.20 8.54 -9.19
C LEU A 81 -23.89 8.40 -10.55
N ALA A 82 -24.92 7.56 -10.63
CA ALA A 82 -25.63 7.21 -11.87
C ALA A 82 -26.29 8.46 -12.46
N GLU A 83 -26.67 9.43 -11.61
CA GLU A 83 -27.26 10.72 -12.06
C GLU A 83 -26.25 11.55 -12.87
N LEU A 84 -24.95 11.26 -12.79
CA LEU A 84 -23.90 12.11 -13.43
C LEU A 84 -23.72 11.75 -14.90
N GLY A 85 -24.34 10.68 -15.37
CA GLY A 85 -24.38 10.33 -16.80
C GLY A 85 -23.06 9.76 -17.33
N LEU A 86 -22.17 9.27 -16.47
CA LEU A 86 -20.90 8.65 -16.91
C LEU A 86 -21.17 7.36 -17.68
N ASP A 87 -20.35 7.06 -18.68
CA ASP A 87 -20.41 5.81 -19.47
C ASP A 87 -19.53 4.75 -18.78
N VAL A 88 -19.85 3.47 -18.96
CA VAL A 88 -18.97 2.33 -18.55
C VAL A 88 -17.60 2.63 -19.14
N ASP A 89 -16.55 2.36 -18.35
CA ASP A 89 -15.11 2.60 -18.67
C ASP A 89 -14.68 4.01 -18.26
N ASP A 90 -15.61 4.90 -17.92
CA ASP A 90 -15.23 6.27 -17.45
C ASP A 90 -14.58 6.17 -16.07
N ARG A 91 -13.44 6.87 -15.93
CA ARG A 91 -12.54 6.74 -14.76
C ARG A 91 -12.96 7.71 -13.64
N VAL A 92 -12.90 7.22 -12.40
CA VAL A 92 -13.20 8.00 -11.16
C VAL A 92 -11.99 7.92 -10.22
N VAL A 93 -11.34 9.05 -9.94
CA VAL A 93 -10.29 9.14 -8.90
C VAL A 93 -10.99 9.23 -7.54
N LEU A 94 -10.69 8.31 -6.63
CA LEU A 94 -11.21 8.29 -5.24
C LEU A 94 -10.03 8.65 -4.32
N GLU A 95 -10.07 9.86 -3.76
CA GLU A 95 -9.07 10.35 -2.77
C GLU A 95 -9.65 10.16 -1.38
N ALA A 96 -9.10 9.22 -0.60
CA ALA A 96 -9.61 8.92 0.76
C ALA A 96 -8.63 8.04 1.52
N ASN A 97 -8.89 7.90 2.82
CA ASN A 97 -8.28 6.82 3.63
C ASN A 97 -9.16 5.59 3.47
N VAL A 98 -8.73 4.45 4.00
CA VAL A 98 -9.55 3.22 4.00
C VAL A 98 -10.66 3.41 5.05
N THR A 99 -11.82 3.84 4.59
CA THR A 99 -13.02 4.12 5.41
C THR A 99 -14.22 3.44 4.80
N PRO A 100 -15.27 3.17 5.61
CA PRO A 100 -16.50 2.58 5.09
C PRO A 100 -17.03 3.37 3.89
N ASP A 101 -17.03 4.71 3.97
CA ASP A 101 -17.52 5.58 2.88
C ASP A 101 -16.67 5.35 1.63
N ALA A 102 -15.34 5.30 1.76
CA ALA A 102 -14.41 5.12 0.61
C ALA A 102 -14.67 3.77 -0.06
N VAL A 103 -14.95 2.72 0.72
CA VAL A 103 -15.19 1.34 0.21
C VAL A 103 -16.58 1.32 -0.43
N ALA A 104 -17.58 1.96 0.18
CA ALA A 104 -18.90 2.16 -0.47
C ALA A 104 -18.71 2.84 -1.85
N MET A 105 -17.92 3.90 -1.92
CA MET A 105 -17.66 4.61 -3.21
C MET A 105 -17.04 3.63 -4.22
N LEU A 106 -15.98 2.91 -3.86
CA LEU A 106 -15.31 2.05 -4.88
C LEU A 106 -16.27 0.92 -5.31
N LEU A 107 -17.16 0.45 -4.44
CA LEU A 107 -18.14 -0.61 -4.79
C LEU A 107 -19.30 -0.03 -5.63
N ALA A 108 -19.69 1.22 -5.38
CA ALA A 108 -20.66 1.96 -6.19
C ALA A 108 -20.11 2.10 -7.61
N CYS A 109 -18.85 2.56 -7.73
CA CYS A 109 -18.14 2.67 -9.05
C CYS A 109 -18.11 1.29 -9.71
N SER A 110 -17.85 0.23 -8.94
CA SER A 110 -17.80 -1.17 -9.47
C SER A 110 -19.14 -1.53 -10.12
N LEU A 111 -20.24 -1.26 -9.43
CA LEU A 111 -21.60 -1.62 -9.92
C LEU A 111 -21.87 -0.96 -11.27
N LEU A 112 -21.41 0.28 -11.45
CA LEU A 112 -21.70 1.12 -12.64
C LEU A 112 -20.61 0.97 -13.70
N GLY A 113 -19.61 0.11 -13.47
CA GLY A 113 -18.54 -0.20 -14.44
C GLY A 113 -17.65 1.01 -14.69
N LEU A 114 -17.50 1.85 -13.67
CA LEU A 114 -16.65 3.05 -13.62
C LEU A 114 -15.37 2.65 -12.88
N PRO A 115 -14.28 2.41 -13.63
CA PRO A 115 -13.00 2.03 -13.04
C PRO A 115 -12.58 3.16 -12.11
N PHE A 116 -12.19 2.81 -10.90
CA PHE A 116 -11.76 3.76 -9.86
C PHE A 116 -10.24 3.70 -9.79
N ILE A 117 -9.69 4.84 -9.42
CA ILE A 117 -8.25 5.09 -9.23
C ILE A 117 -8.08 5.61 -7.81
N PRO A 118 -7.52 4.79 -6.89
CA PRO A 118 -7.39 5.18 -5.49
C PRO A 118 -6.14 6.05 -5.32
N VAL A 119 -6.29 7.10 -4.54
CA VAL A 119 -5.21 8.07 -4.23
C VAL A 119 -5.38 8.43 -2.75
N SER A 120 -4.30 8.76 -2.07
CA SER A 120 -4.39 9.10 -0.63
C SER A 120 -4.37 10.62 -0.48
N PRO A 121 -5.07 11.15 0.55
CA PRO A 121 -4.99 12.58 0.85
C PRO A 121 -3.54 13.09 0.92
N GLU A 122 -2.58 12.22 1.31
CA GLU A 122 -1.16 12.62 1.52
C GLU A 122 -0.38 12.55 0.18
N THR A 123 -1.04 12.16 -0.92
CA THR A 123 -0.43 12.13 -2.26
C THR A 123 0.02 13.54 -2.62
N PRO A 124 1.30 13.75 -2.99
CA PRO A 124 1.75 15.07 -3.41
C PRO A 124 0.94 15.57 -4.62
N SER A 125 0.52 16.83 -4.57
CA SER A 125 -0.13 17.61 -5.65
C SER A 125 0.49 17.34 -7.02
N GLY A 126 1.82 17.38 -7.12
CA GLY A 126 2.57 17.10 -8.36
C GLY A 126 2.23 15.71 -8.88
N ARG A 127 2.23 14.73 -7.97
CA ARG A 127 1.90 13.33 -8.26
C ARG A 127 0.39 13.19 -8.62
N LEU A 128 -0.52 13.85 -7.90
CA LEU A 128 -1.97 13.78 -8.22
C LEU A 128 -2.19 14.37 -9.62
N ARG A 129 -1.56 15.49 -9.96
CA ARG A 129 -1.79 16.11 -11.29
C ARG A 129 -1.27 15.17 -12.38
N SER A 130 -0.14 14.50 -12.16
CA SER A 130 0.40 13.51 -13.11
C SER A 130 -0.61 12.37 -13.35
N ILE A 131 -1.30 11.92 -12.30
CA ILE A 131 -2.33 10.85 -12.44
C ILE A 131 -3.51 11.41 -13.23
N LEU A 132 -3.95 12.62 -12.94
CA LEU A 132 -5.10 13.23 -13.67
C LEU A 132 -4.71 13.41 -15.14
N ASP A 133 -3.51 13.91 -15.39
CA ASP A 133 -2.99 14.17 -16.77
C ASP A 133 -2.87 12.84 -17.53
N THR A 134 -2.46 11.74 -16.88
CA THR A 134 -2.28 10.39 -17.52
C THR A 134 -3.65 9.71 -17.71
N ALA A 135 -4.45 9.54 -16.65
CA ALA A 135 -5.73 8.78 -16.67
C ALA A 135 -6.84 9.58 -17.36
N GLU A 136 -6.80 10.91 -17.33
CA GLU A 136 -7.91 11.78 -17.80
C GLU A 136 -9.22 11.25 -17.24
N PRO A 137 -9.39 11.21 -15.91
CA PRO A 137 -10.64 10.74 -15.33
C PRO A 137 -11.77 11.74 -15.62
N ALA A 138 -13.01 11.26 -15.61
CA ALA A 138 -14.20 12.12 -15.73
C ALA A 138 -14.54 12.75 -14.37
N LEU A 139 -14.12 12.14 -13.27
CA LEU A 139 -14.54 12.57 -11.93
C LEU A 139 -13.41 12.35 -10.92
N PHE A 140 -13.23 13.33 -10.04
CA PHE A 140 -12.45 13.27 -8.77
C PHE A 140 -13.42 13.38 -7.59
N ALA A 141 -13.46 12.39 -6.70
CA ALA A 141 -14.28 12.42 -5.47
C ALA A 141 -13.37 12.34 -4.24
N GLN A 142 -13.61 13.18 -3.23
CA GLN A 142 -12.87 13.15 -1.94
C GLN A 142 -13.89 13.21 -0.80
N ALA A 143 -13.46 12.99 0.44
CA ALA A 143 -14.34 13.02 1.63
C ALA A 143 -14.83 14.46 1.86
N GLU A 144 -15.91 14.59 2.63
CA GLU A 144 -16.56 15.89 2.96
C GLU A 144 -15.49 16.86 3.46
N ASP A 145 -14.55 16.39 4.28
CA ASP A 145 -13.51 17.23 4.94
C ASP A 145 -12.16 17.10 4.23
N GLY A 146 -12.09 16.50 3.05
CA GLY A 146 -10.83 16.46 2.29
C GLY A 146 -10.39 17.88 1.98
N GLY A 147 -9.08 18.10 1.82
CA GLY A 147 -8.50 19.43 1.56
C GLY A 147 -7.87 19.50 0.18
N ARG A 148 -8.21 18.59 -0.73
CA ARG A 148 -7.66 18.71 -2.10
C ARG A 148 -8.35 19.85 -2.84
N ALA A 149 -7.58 20.71 -3.49
CA ALA A 149 -8.08 21.88 -4.23
C ALA A 149 -7.37 21.96 -5.57
N ASP A 150 -7.86 22.81 -6.45
CA ASP A 150 -7.20 23.17 -7.74
C ASP A 150 -7.15 21.93 -8.64
N VAL A 151 -8.17 21.06 -8.56
CA VAL A 151 -8.31 19.96 -9.55
C VAL A 151 -8.67 20.64 -10.86
N PRO A 152 -7.97 20.36 -11.98
CA PRO A 152 -8.24 21.08 -13.23
C PRO A 152 -9.72 20.98 -13.64
N ALA A 153 -10.19 22.01 -14.37
CA ALA A 153 -11.62 22.22 -14.70
C ALA A 153 -12.15 21.16 -15.67
N THR A 154 -11.29 20.39 -16.33
CA THR A 154 -11.68 19.32 -17.28
C THR A 154 -12.13 18.07 -16.51
N VAL A 155 -11.90 18.00 -15.19
CA VAL A 155 -12.31 16.84 -14.34
C VAL A 155 -13.45 17.28 -13.43
N GLY A 156 -14.57 16.57 -13.44
CA GLY A 156 -15.62 16.70 -12.42
C GLY A 156 -15.07 16.52 -11.02
N THR A 157 -15.66 17.19 -10.01
CA THR A 157 -15.29 17.06 -8.57
C THR A 157 -16.57 16.84 -7.76
N ALA A 158 -16.50 15.95 -6.78
CA ALA A 158 -17.61 15.65 -5.84
C ALA A 158 -17.01 15.33 -4.49
N ARG A 159 -17.84 15.40 -3.48
CA ARG A 159 -17.48 15.06 -2.09
C ARG A 159 -18.49 14.02 -1.62
N PHE A 160 -18.04 13.04 -0.85
CA PHE A 160 -18.92 11.98 -0.32
C PHE A 160 -18.77 11.95 1.20
N GLY A 161 -19.83 11.56 1.88
CA GLY A 161 -19.83 11.44 3.34
C GLY A 161 -21.22 11.12 3.86
N ALA A 162 -21.43 11.44 5.14
CA ALA A 162 -22.70 11.24 5.87
C ALA A 162 -23.84 11.87 5.06
N GLY A 163 -23.58 13.03 4.45
CA GLY A 163 -24.57 13.82 3.67
C GLY A 163 -24.90 13.25 2.30
N GLY A 164 -24.24 12.15 1.89
CA GLY A 164 -24.38 11.55 0.54
C GLY A 164 -23.24 12.00 -0.37
N LEU A 165 -23.51 12.06 -1.67
CA LEU A 165 -22.53 12.52 -2.70
C LEU A 165 -22.99 13.89 -3.22
N ARG A 166 -22.15 14.90 -3.11
CA ARG A 166 -22.47 16.29 -3.54
C ARG A 166 -21.50 16.68 -4.64
N VAL A 167 -22.03 17.18 -5.74
CA VAL A 167 -21.25 17.62 -6.93
C VAL A 167 -20.83 19.07 -6.69
N GLU A 168 -19.63 19.40 -7.10
CA GLU A 168 -19.11 20.78 -7.15
C GLU A 168 -19.02 21.15 -8.63
N ARG A 169 -18.31 20.32 -9.39
CA ARG A 169 -18.21 20.40 -10.86
C ARG A 169 -18.68 19.06 -11.42
N ALA A 170 -19.85 19.04 -12.03
CA ALA A 170 -20.42 17.84 -12.69
C ALA A 170 -19.52 17.47 -13.87
N PRO A 171 -19.27 16.17 -14.12
CA PRO A 171 -18.59 15.76 -15.34
C PRO A 171 -19.37 16.21 -16.58
N ARG A 172 -18.63 16.48 -17.65
CA ARG A 172 -19.10 17.00 -18.97
C ARG A 172 -20.14 16.01 -19.52
N ALA A 173 -21.15 16.54 -20.21
CA ALA A 173 -22.24 15.73 -20.81
C ALA A 173 -21.62 14.80 -21.86
N ARG A 174 -22.21 13.61 -22.03
CA ARG A 174 -21.75 12.57 -22.99
C ARG A 174 -22.93 11.67 -23.38
N VAL A 175 -22.79 10.95 -24.49
CA VAL A 175 -23.69 9.83 -24.83
C VAL A 175 -23.11 8.55 -24.20
N ARG A 176 -23.93 7.81 -23.46
CA ARG A 176 -23.64 6.45 -22.97
C ARG A 176 -23.73 5.45 -24.14
N HIS A 177 -22.63 4.80 -24.52
CA HIS A 177 -22.60 3.79 -25.63
C HIS A 177 -22.66 2.36 -25.07
N ARG A 178 -22.15 2.11 -23.86
CA ARG A 178 -22.04 0.71 -23.33
C ARG A 178 -23.40 0.29 -22.75
N ARG A 179 -23.95 -0.80 -23.26
CA ARG A 179 -25.27 -1.33 -22.85
C ARG A 179 -25.12 -2.18 -21.60
N GLU A 180 -24.15 -3.10 -21.59
CA GLU A 180 -23.99 -4.13 -20.53
C GLU A 180 -22.55 -4.12 -20.01
N ILE A 181 -22.42 -4.32 -18.70
CA ILE A 181 -21.11 -4.44 -18.01
C ILE A 181 -20.71 -5.92 -18.10
N VAL A 182 -19.42 -6.19 -18.33
CA VAL A 182 -18.84 -7.55 -18.53
C VAL A 182 -17.69 -7.75 -17.53
N GLY A 183 -17.28 -9.01 -17.32
CA GLY A 183 -16.21 -9.35 -16.36
C GLY A 183 -14.87 -8.77 -16.76
N THR A 184 -14.63 -8.53 -18.06
CA THR A 184 -13.31 -8.01 -18.53
C THR A 184 -13.25 -6.49 -18.37
N ASP A 185 -14.36 -5.85 -18.00
CA ASP A 185 -14.37 -4.40 -17.73
C ASP A 185 -13.43 -4.15 -16.54
N THR A 186 -12.83 -2.97 -16.54
CA THR A 186 -11.80 -2.56 -15.57
C THR A 186 -12.47 -2.26 -14.24
N ALA A 187 -11.96 -2.84 -13.17
CA ALA A 187 -12.46 -2.57 -11.81
C ALA A 187 -11.67 -1.40 -11.24
N TYR A 188 -10.34 -1.41 -11.38
CA TYR A 188 -9.49 -0.29 -10.91
C TYR A 188 -8.22 -0.18 -11.76
N ILE A 189 -7.62 1.00 -11.72
CA ILE A 189 -6.27 1.27 -12.27
C ILE A 189 -5.40 1.80 -11.11
N ILE A 190 -4.42 1.01 -10.67
CA ILE A 190 -3.41 1.36 -9.63
C ILE A 190 -2.24 2.09 -10.32
N PHE A 191 -1.84 3.25 -9.79
CA PHE A 191 -0.77 4.12 -10.36
C PHE A 191 0.43 4.25 -9.39
N GLY A 197 9.26 7.24 -12.57
CA GLY A 197 8.96 8.63 -12.98
C GLY A 197 7.53 8.76 -13.51
N ARG A 198 7.30 8.32 -14.75
CA ARG A 198 5.95 8.33 -15.36
C ARG A 198 5.02 7.45 -14.52
N PRO A 199 3.80 7.92 -14.15
CA PRO A 199 2.84 7.07 -13.45
C PRO A 199 2.44 5.89 -14.36
N LYS A 200 2.67 4.66 -13.89
CA LYS A 200 2.30 3.39 -14.56
C LYS A 200 0.95 2.92 -14.03
N GLY A 201 -0.07 2.85 -14.89
CA GLY A 201 -1.43 2.43 -14.51
C GLY A 201 -1.63 0.94 -14.72
N VAL A 202 -1.67 0.18 -13.63
CA VAL A 202 -1.93 -1.28 -13.71
C VAL A 202 -3.45 -1.42 -13.80
N VAL A 203 -3.93 -1.83 -14.98
CA VAL A 203 -5.36 -1.96 -15.33
C VAL A 203 -5.85 -3.35 -14.90
N MET A 204 -6.81 -3.42 -13.98
CA MET A 204 -7.25 -4.71 -13.39
C MET A 204 -8.75 -4.93 -13.63
N SER A 205 -9.13 -6.02 -14.29
CA SER A 205 -10.54 -6.39 -14.62
C SER A 205 -11.24 -6.92 -13.36
N HIS A 206 -12.56 -6.86 -13.33
CA HIS A 206 -13.37 -7.51 -12.27
C HIS A 206 -13.05 -9.01 -12.27
N ARG A 207 -12.97 -9.62 -13.46
CA ARG A 207 -12.72 -11.08 -13.61
C ARG A 207 -11.43 -11.42 -12.87
N SER A 208 -10.36 -10.64 -13.11
CA SER A 208 -9.02 -10.93 -12.54
C SER A 208 -9.10 -10.89 -11.01
N VAL A 209 -9.71 -9.84 -10.46
CA VAL A 209 -9.73 -9.59 -9.00
C VAL A 209 -10.59 -10.67 -8.32
N VAL A 210 -11.75 -11.00 -8.88
CA VAL A 210 -12.64 -12.04 -8.30
C VAL A 210 -11.93 -13.40 -8.37
N SER A 211 -11.15 -13.67 -9.43
CA SER A 211 -10.45 -14.97 -9.63
C SER A 211 -9.38 -15.13 -8.53
N LEU A 212 -8.65 -14.08 -8.24
CA LEU A 212 -7.63 -14.10 -7.15
C LEU A 212 -8.31 -14.51 -5.84
N TYR A 213 -9.44 -13.89 -5.51
CA TYR A 213 -10.15 -14.17 -4.23
C TYR A 213 -10.76 -15.56 -4.20
N ARG A 214 -11.32 -16.07 -5.31
CA ARG A 214 -11.89 -17.43 -5.29
C ARG A 214 -10.76 -18.43 -5.05
N ALA A 215 -9.57 -18.22 -5.62
CA ALA A 215 -8.38 -19.06 -5.37
C ALA A 215 -8.04 -19.07 -3.87
N ILE A 216 -7.97 -17.89 -3.24
CA ILE A 216 -7.60 -17.74 -1.81
C ILE A 216 -8.69 -18.38 -0.94
N LEU A 217 -9.95 -18.16 -1.25
CA LEU A 217 -11.08 -18.72 -0.47
C LEU A 217 -10.89 -20.24 -0.37
N GLU A 218 -10.34 -20.86 -1.42
CA GLU A 218 -10.15 -22.33 -1.48
C GLU A 218 -9.15 -22.79 -0.43
N GLN A 219 -8.27 -21.91 0.04
CA GLN A 219 -7.20 -22.23 1.02
C GLN A 219 -7.72 -22.20 2.46
N GLY A 220 -8.95 -21.70 2.70
CA GLY A 220 -9.55 -21.54 4.04
C GLY A 220 -8.70 -20.68 4.97
N LEU A 221 -7.85 -19.81 4.43
CA LEU A 221 -6.93 -18.92 5.19
C LEU A 221 -7.69 -17.90 6.06
N ILE A 222 -8.85 -17.42 5.63
CA ILE A 222 -9.69 -16.42 6.38
C ILE A 222 -11.08 -17.04 6.55
N THR A 223 -11.72 -16.81 7.71
CA THR A 223 -13.12 -17.24 7.99
C THR A 223 -13.97 -15.98 8.12
N PRO A 224 -15.32 -16.05 7.96
CA PRO A 224 -16.19 -14.92 8.24
C PRO A 224 -16.06 -14.39 9.67
N GLU A 225 -15.45 -15.17 10.57
CA GLU A 225 -15.28 -14.81 12.01
C GLU A 225 -14.02 -13.95 12.20
N ASP A 226 -13.15 -13.85 11.18
CA ASP A 226 -11.93 -13.03 11.29
C ASP A 226 -12.27 -11.53 11.24
N ARG A 227 -11.44 -10.73 11.90
CA ARG A 227 -11.44 -9.24 11.85
C ARG A 227 -10.04 -8.87 11.38
N ILE A 228 -9.93 -8.46 10.12
CA ILE A 228 -8.63 -8.28 9.42
C ILE A 228 -8.21 -6.82 9.60
N ALA A 229 -7.16 -6.56 10.39
CA ALA A 229 -6.55 -5.21 10.46
C ALA A 229 -5.73 -4.99 9.19
N THR A 230 -5.99 -3.89 8.49
CA THR A 230 -5.29 -3.54 7.23
C THR A 230 -4.56 -2.22 7.44
N THR A 231 -3.36 -2.10 6.90
CA THR A 231 -2.43 -1.02 7.32
C THR A 231 -2.01 -0.15 6.14
N SER A 232 -2.07 -0.63 4.91
CA SER A 232 -1.52 0.16 3.77
C SER A 232 -2.55 1.21 3.41
N PRO A 233 -2.16 2.48 3.21
CA PRO A 233 -3.08 3.47 2.65
C PRO A 233 -3.73 3.02 1.33
N LEU A 234 -4.91 3.57 1.07
CA LEU A 234 -5.80 3.14 -0.03
C LEU A 234 -5.10 3.16 -1.41
N GLN A 235 -4.17 4.09 -1.67
CA GLN A 235 -3.53 4.20 -3.02
C GLN A 235 -2.65 2.99 -3.34
N PHE A 236 -2.30 2.17 -2.34
CA PHE A 236 -1.44 0.97 -2.50
C PHE A 236 -2.30 -0.26 -2.75
N CYS A 237 -1.82 -1.16 -3.62
CA CYS A 237 -2.57 -2.36 -4.07
C CYS A 237 -2.85 -3.29 -2.89
N PHE A 238 -2.05 -3.21 -1.82
CA PHE A 238 -2.22 -4.03 -0.59
C PHE A 238 -3.54 -3.63 0.10
N ALA A 239 -3.89 -2.36 0.11
CA ALA A 239 -5.20 -1.91 0.67
C ALA A 239 -6.36 -2.58 -0.08
N LEU A 240 -6.34 -2.53 -1.40
CA LEU A 240 -7.40 -3.16 -2.23
C LEU A 240 -7.41 -4.68 -1.97
N PHE A 241 -6.23 -5.30 -1.89
CA PHE A 241 -6.13 -6.76 -1.63
C PHE A 241 -6.89 -7.05 -0.33
N ASP A 242 -6.58 -6.32 0.74
CA ASP A 242 -7.13 -6.56 2.10
C ASP A 242 -8.65 -6.36 2.10
N ILE A 243 -9.09 -5.25 1.51
CA ILE A 243 -10.54 -4.93 1.37
C ILE A 243 -11.29 -6.12 0.74
N GLY A 244 -10.78 -6.59 -0.40
CA GLY A 244 -11.43 -7.67 -1.17
C GLY A 244 -11.33 -8.99 -0.42
N LEU A 245 -10.25 -9.18 0.33
CA LEU A 245 -10.04 -10.42 1.08
C LEU A 245 -11.06 -10.49 2.24
N ALA A 246 -11.22 -9.40 2.98
CA ALA A 246 -12.16 -9.34 4.13
C ALA A 246 -13.58 -9.48 3.60
N LEU A 247 -14.01 -8.59 2.70
CA LEU A 247 -15.43 -8.49 2.26
C LEU A 247 -15.85 -9.71 1.44
N GLY A 248 -15.02 -10.19 0.52
CA GLY A 248 -15.36 -11.35 -0.31
C GLY A 248 -15.47 -12.63 0.50
N THR A 249 -14.88 -12.68 1.69
CA THR A 249 -14.93 -13.85 2.61
C THR A 249 -16.13 -13.71 3.55
N GLY A 250 -16.74 -12.53 3.68
CA GLY A 250 -17.76 -12.26 4.71
C GLY A 250 -17.11 -11.93 6.06
N ALA A 251 -15.81 -11.60 6.06
CA ALA A 251 -15.10 -11.20 7.30
C ALA A 251 -15.27 -9.68 7.57
N ALA A 252 -14.80 -9.21 8.73
CA ALA A 252 -14.82 -7.79 9.13
C ALA A 252 -13.48 -7.15 8.76
N LEU A 253 -13.51 -6.01 8.08
CA LEU A 253 -12.32 -5.18 7.82
C LEU A 253 -12.13 -4.17 8.98
N VAL A 254 -10.92 -4.10 9.54
CA VAL A 254 -10.51 -3.14 10.62
C VAL A 254 -9.41 -2.26 10.04
N PRO A 255 -9.78 -1.20 9.28
CA PRO A 255 -8.78 -0.28 8.74
C PRO A 255 -8.01 0.34 9.92
N VAL A 256 -6.68 0.32 9.87
CA VAL A 256 -5.82 1.00 10.87
C VAL A 256 -5.44 2.38 10.32
N PRO A 257 -6.05 3.47 10.83
CA PRO A 257 -5.65 4.81 10.39
C PRO A 257 -4.19 5.07 10.75
N ARG A 258 -3.53 5.94 9.98
CA ARG A 258 -2.13 6.38 10.21
C ARG A 258 -1.97 6.99 11.62
N GLU A 259 -2.99 7.66 12.15
CA GLU A 259 -2.92 8.25 13.52
C GLU A 259 -2.82 7.15 14.60
N GLU A 260 -3.16 5.88 14.29
CA GLU A 260 -2.83 4.73 15.19
C GLU A 260 -1.55 4.04 14.71
N LEU A 261 -1.46 3.73 13.42
CA LEU A 261 -0.40 2.89 12.82
C LEU A 261 0.98 3.47 13.14
N ASN A 262 1.17 4.79 13.06
CA ASN A 262 2.52 5.41 13.08
C ASN A 262 3.06 5.52 14.51
N TRP A 263 2.29 5.10 15.53
CA TRP A 263 2.64 5.21 16.97
C TRP A 263 2.43 3.87 17.63
N PRO A 264 3.53 3.11 17.86
CA PRO A 264 3.45 1.72 18.30
C PRO A 264 2.45 1.49 19.45
N ARG A 265 2.43 2.35 20.49
CA ARG A 265 1.53 2.14 21.64
C ARG A 265 0.06 2.35 21.20
N ARG A 266 -0.19 3.27 20.27
CA ARG A 266 -1.56 3.53 19.74
C ARG A 266 -1.96 2.38 18.81
N PHE A 267 -1.04 1.94 17.96
CA PHE A 267 -1.23 0.80 17.02
C PHE A 267 -1.68 -0.41 17.82
N LEU A 268 -0.92 -0.75 18.85
CA LEU A 268 -1.18 -1.96 19.69
C LEU A 268 -2.50 -1.81 20.46
N ALA A 269 -2.85 -0.60 20.95
CA ALA A 269 -4.13 -0.41 21.69
C ALA A 269 -5.29 -0.50 20.71
N PHE A 270 -5.10 0.00 19.49
CA PHE A 270 -6.12 -0.08 18.41
C PHE A 270 -6.40 -1.55 18.06
N LEU A 271 -5.36 -2.37 17.91
CA LEU A 271 -5.53 -3.82 17.57
C LEU A 271 -6.29 -4.51 18.71
N GLY A 272 -6.02 -4.15 19.96
CA GLY A 272 -6.67 -4.77 21.13
C GLY A 272 -8.12 -4.36 21.23
N ASP A 273 -8.40 -3.06 21.13
CA ASP A 273 -9.76 -2.47 21.28
C ASP A 273 -10.70 -3.05 20.21
N THR A 274 -10.24 -3.16 18.97
CA THR A 274 -11.05 -3.64 17.82
C THR A 274 -11.12 -5.17 17.80
N GLY A 275 -10.26 -5.87 18.53
CA GLY A 275 -10.26 -7.35 18.58
C GLY A 275 -9.80 -7.96 17.26
N ALA A 276 -8.83 -7.34 16.59
CA ALA A 276 -8.25 -7.82 15.32
C ALA A 276 -7.75 -9.27 15.51
N THR A 277 -8.16 -10.19 14.63
CA THR A 277 -7.69 -11.60 14.66
C THR A 277 -6.62 -11.83 13.60
N GLN A 278 -6.49 -10.93 12.63
CA GLN A 278 -5.45 -10.99 11.57
C GLN A 278 -4.91 -9.58 11.38
N VAL A 279 -3.61 -9.48 11.14
CA VAL A 279 -2.94 -8.18 10.99
C VAL A 279 -2.11 -8.30 9.71
N HIS A 280 -2.40 -7.43 8.76
CA HIS A 280 -1.79 -7.43 7.40
C HIS A 280 -0.98 -6.15 7.26
N GLY A 281 0.18 -6.22 6.61
CA GLY A 281 1.02 -5.04 6.41
C GLY A 281 2.38 -5.44 5.86
N VAL A 282 3.10 -4.50 5.25
CA VAL A 282 4.51 -4.76 4.86
C VAL A 282 5.31 -5.01 6.15
N PRO A 283 6.44 -5.74 6.08
CA PRO A 283 7.21 -6.06 7.29
C PRO A 283 7.54 -4.86 8.19
N SER A 284 7.81 -3.71 7.57
CA SER A 284 8.10 -2.38 8.17
C SER A 284 7.11 -2.04 9.30
N ILE A 285 5.83 -2.44 9.20
CA ILE A 285 4.81 -2.06 10.23
C ILE A 285 5.22 -2.65 11.59
N TRP A 286 6.01 -3.73 11.59
CA TRP A 286 6.38 -4.47 12.81
C TRP A 286 7.65 -3.90 13.46
N ARG A 287 8.51 -3.26 12.66
CA ARG A 287 9.88 -2.92 13.08
C ARG A 287 9.86 -1.95 14.27
N PRO A 288 9.07 -0.85 14.25
CA PRO A 288 8.97 0.04 15.40
C PRO A 288 8.40 -0.67 16.63
N VAL A 289 7.41 -1.54 16.43
CA VAL A 289 6.74 -2.25 17.56
C VAL A 289 7.76 -3.19 18.20
N LEU A 290 8.54 -3.91 17.39
CA LEU A 290 9.51 -4.92 17.90
C LEU A 290 10.63 -4.19 18.65
N ARG A 291 11.08 -3.06 18.12
CA ARG A 291 12.21 -2.27 18.68
C ARG A 291 11.79 -1.66 20.02
N HIS A 292 10.54 -1.20 20.15
CA HIS A 292 10.18 -0.21 21.21
C HIS A 292 9.04 -0.72 22.10
N GLU A 293 8.18 -1.64 21.66
CA GLU A 293 7.04 -2.09 22.53
C GLU A 293 6.84 -3.59 22.42
N PRO A 294 7.90 -4.42 22.45
CA PRO A 294 7.72 -5.85 22.28
C PRO A 294 6.84 -6.44 23.40
N GLU A 295 6.89 -5.85 24.59
CA GLU A 295 6.14 -6.34 25.77
C GLU A 295 4.64 -6.20 25.48
N LEU A 296 4.22 -5.03 25.00
CA LEU A 296 2.80 -4.75 24.69
C LEU A 296 2.35 -5.60 23.48
N LEU A 297 3.26 -5.87 22.55
CA LEU A 297 2.99 -6.71 21.35
C LEU A 297 2.56 -8.10 21.80
N ALA A 298 3.31 -8.66 22.74
CA ALA A 298 3.12 -10.03 23.29
C ALA A 298 1.73 -10.12 23.93
N GLY A 299 1.10 -8.99 24.27
CA GLY A 299 -0.24 -8.94 24.88
C GLY A 299 -1.38 -9.09 23.88
N LEU A 300 -1.10 -9.20 22.57
CA LEU A 300 -2.18 -9.29 21.54
C LEU A 300 -2.66 -10.75 21.47
N ASP A 301 -3.40 -11.18 22.49
CA ASP A 301 -3.79 -12.60 22.69
C ASP A 301 -4.79 -13.02 21.60
N ARG A 302 -5.50 -12.07 20.99
CA ARG A 302 -6.58 -12.37 20.00
C ARG A 302 -6.00 -12.53 18.59
N VAL A 303 -4.78 -12.06 18.33
CA VAL A 303 -4.22 -12.11 16.94
C VAL A 303 -3.90 -13.56 16.60
N ARG A 304 -4.56 -14.13 15.59
CA ARG A 304 -4.39 -15.55 15.19
C ARG A 304 -3.56 -15.63 13.91
N GLY A 305 -3.38 -14.53 13.20
CA GLY A 305 -2.54 -14.58 12.00
C GLY A 305 -1.99 -13.23 11.61
N ILE A 306 -0.91 -13.26 10.85
CA ILE A 306 -0.20 -12.07 10.34
C ILE A 306 0.10 -12.40 8.89
N LEU A 307 -0.03 -11.42 8.01
CA LEU A 307 0.37 -11.59 6.60
C LEU A 307 1.27 -10.41 6.27
N PHE A 308 2.39 -10.69 5.61
CA PHE A 308 3.33 -9.66 5.11
C PHE A 308 3.64 -10.03 3.66
N THR A 309 3.95 -9.02 2.87
CA THR A 309 4.34 -9.16 1.45
C THR A 309 5.17 -7.92 1.13
N GLY A 310 5.61 -7.79 -0.13
CA GLY A 310 6.16 -6.53 -0.67
C GLY A 310 7.67 -6.55 -0.71
N GLU A 311 8.28 -7.16 0.29
CA GLU A 311 9.76 -7.16 0.53
C GLU A 311 10.12 -8.33 1.45
N ASP A 312 11.41 -8.59 1.61
CA ASP A 312 11.98 -9.54 2.61
C ASP A 312 11.69 -9.06 4.04
N PHE A 313 11.27 -9.97 4.93
CA PHE A 313 11.20 -9.76 6.39
C PHE A 313 12.50 -10.31 7.01
N PRO A 314 13.40 -9.47 7.58
CA PRO A 314 14.62 -9.95 8.22
C PRO A 314 14.33 -11.07 9.23
N LEU A 315 15.11 -12.15 9.17
CA LEU A 315 14.81 -13.41 9.92
C LEU A 315 14.92 -13.22 11.43
N PRO A 316 15.93 -12.51 11.98
CA PRO A 316 15.94 -12.23 13.42
C PRO A 316 14.65 -11.54 13.88
N GLU A 317 14.21 -10.52 13.14
CA GLU A 317 12.99 -9.75 13.47
C GLU A 317 11.77 -10.68 13.42
N LEU A 318 11.69 -11.51 12.37
CA LEU A 318 10.60 -12.50 12.19
C LEU A 318 10.59 -13.49 13.36
N ARG A 319 11.77 -14.01 13.74
CA ARG A 319 11.92 -14.98 14.88
C ARG A 319 11.49 -14.29 16.17
N HIS A 320 11.86 -13.03 16.33
CA HIS A 320 11.41 -12.20 17.47
C HIS A 320 9.89 -12.15 17.47
N LEU A 321 9.28 -11.71 16.36
CA LEU A 321 7.80 -11.59 16.23
C LEU A 321 7.13 -12.93 16.57
N GLN A 322 7.65 -14.03 16.00
CA GLN A 322 7.08 -15.39 16.17
C GLN A 322 7.11 -15.74 17.67
N GLY A 323 8.26 -15.51 18.33
CA GLY A 323 8.44 -15.72 19.77
C GLY A 323 7.44 -14.92 20.61
N LEU A 324 7.24 -13.64 20.28
CA LEU A 324 6.25 -12.78 20.99
C LEU A 324 4.83 -13.28 20.77
N LEU A 325 4.46 -13.72 19.56
CA LEU A 325 3.06 -14.14 19.25
C LEU A 325 3.05 -15.61 18.82
N PRO A 326 3.39 -16.55 19.74
CA PRO A 326 3.46 -17.97 19.39
C PRO A 326 2.15 -18.55 18.82
N HIS A 327 0.99 -17.96 19.13
CA HIS A 327 -0.34 -18.48 18.73
C HIS A 327 -0.79 -17.86 17.40
N ALA A 328 0.09 -17.12 16.72
CA ALA A 328 -0.18 -16.51 15.41
C ALA A 328 0.49 -17.33 14.29
N ARG A 329 -0.28 -17.67 13.27
CA ARG A 329 0.23 -18.10 11.95
C ARG A 329 0.83 -16.86 11.27
N ILE A 330 2.03 -16.97 10.73
CA ILE A 330 2.62 -15.88 9.89
C ILE A 330 2.72 -16.41 8.45
N VAL A 331 2.12 -15.68 7.52
CA VAL A 331 2.13 -15.98 6.08
C VAL A 331 3.03 -14.96 5.36
N ASN A 332 3.99 -15.46 4.60
CA ASN A 332 4.76 -14.75 3.55
C ASN A 332 3.97 -14.86 2.22
N GLY A 333 3.28 -13.81 1.81
CA GLY A 333 2.67 -13.65 0.48
C GLY A 333 3.65 -13.04 -0.51
N TYR A 334 3.79 -13.66 -1.68
CA TYR A 334 4.61 -13.12 -2.78
C TYR A 334 3.68 -12.81 -3.96
N GLY A 335 3.85 -11.64 -4.56
CA GLY A 335 3.06 -11.19 -5.72
C GLY A 335 3.54 -9.84 -6.20
N ALA A 336 3.15 -9.44 -7.40
CA ALA A 336 3.37 -8.09 -7.97
C ALA A 336 1.99 -7.46 -8.20
N THR A 337 1.94 -6.15 -8.45
CA THR A 337 0.67 -5.45 -8.75
C THR A 337 0.02 -6.12 -9.97
N GLU A 338 0.79 -6.57 -10.96
CA GLU A 338 0.21 -6.95 -12.27
C GLU A 338 -0.55 -8.28 -12.18
N SER A 339 -0.39 -9.10 -11.13
CA SER A 339 -1.26 -10.30 -10.88
C SER A 339 -1.94 -10.20 -9.51
N MET A 340 -1.55 -9.18 -8.73
CA MET A 340 -1.98 -8.91 -7.33
C MET A 340 -1.27 -9.87 -6.38
N ALA A 341 -1.35 -11.18 -6.63
CA ALA A 341 -0.73 -12.25 -5.83
C ALA A 341 -0.26 -13.38 -6.75
N CYS A 342 0.50 -14.30 -6.17
CA CYS A 342 1.10 -15.45 -6.88
C CYS A 342 1.10 -16.65 -5.93
N SER A 343 1.90 -16.54 -4.87
CA SER A 343 2.26 -17.65 -3.97
C SER A 343 2.21 -17.21 -2.52
N PHE A 344 2.30 -18.20 -1.65
CA PHE A 344 2.51 -17.97 -0.21
C PHE A 344 3.12 -19.23 0.41
N THR A 345 3.70 -19.04 1.59
CA THR A 345 3.89 -20.07 2.63
C THR A 345 3.55 -19.48 4.00
N GLU A 346 2.98 -20.33 4.87
CA GLU A 346 3.09 -20.14 6.33
C GLU A 346 4.57 -20.33 6.67
N VAL A 347 5.14 -19.46 7.49
CA VAL A 347 6.56 -19.53 7.96
C VAL A 347 6.67 -20.71 8.92
N PRO A 348 7.76 -21.50 8.83
CA PRO A 348 7.88 -22.72 9.63
C PRO A 348 7.87 -22.36 11.13
N ARG A 349 7.25 -23.23 11.93
CA ARG A 349 7.11 -23.07 13.40
C ARG A 349 7.92 -24.14 14.13
N PRO A 350 9.12 -23.83 14.68
CA PRO A 350 9.74 -22.50 14.58
C PRO A 350 10.60 -22.32 13.33
N ILE A 351 11.09 -21.10 13.12
CA ILE A 351 12.07 -20.78 12.03
C ILE A 351 13.40 -21.38 12.46
N PRO A 352 13.89 -22.43 11.76
CA PRO A 352 15.21 -22.99 12.03
C PRO A 352 16.30 -21.91 12.13
N SER A 353 17.32 -22.17 12.96
CA SER A 353 18.45 -21.25 13.24
C SER A 353 19.31 -21.09 11.98
N ASP A 354 19.53 -22.19 11.25
CA ASP A 354 20.44 -22.27 10.07
C ASP A 354 19.81 -21.62 8.83
N LEU A 355 18.48 -21.37 8.84
CA LEU A 355 17.69 -20.98 7.62
C LEU A 355 18.24 -19.66 7.07
N GLU A 356 18.74 -19.68 5.83
CA GLU A 356 19.36 -18.50 5.18
C GLU A 356 18.25 -17.60 4.60
N ARG A 357 17.19 -18.21 4.06
CA ARG A 357 16.14 -17.45 3.33
C ARG A 357 14.80 -18.18 3.44
N LEU A 358 13.73 -17.44 3.67
CA LEU A 358 12.35 -17.98 3.72
C LEU A 358 11.98 -18.45 2.32
N SER A 359 11.18 -19.49 2.25
CA SER A 359 10.44 -19.92 1.03
C SER A 359 9.29 -18.92 0.77
N ILE A 360 9.00 -18.64 -0.51
CA ILE A 360 7.73 -17.98 -0.96
C ILE A 360 6.71 -19.06 -1.29
N GLY A 361 7.04 -20.33 -1.04
CA GLY A 361 6.08 -21.46 -1.06
C GLY A 361 5.66 -21.86 -2.47
N PHE A 362 4.38 -22.19 -2.64
CA PHE A 362 3.82 -22.70 -3.91
C PHE A 362 2.79 -21.71 -4.45
N PRO A 363 2.64 -21.58 -5.79
CA PRO A 363 1.55 -20.77 -6.35
C PRO A 363 0.19 -21.20 -5.78
N LEU A 364 -0.74 -20.25 -5.65
CA LEU A 364 -2.16 -20.52 -5.37
C LEU A 364 -2.67 -21.54 -6.40
N PRO A 365 -3.71 -22.34 -6.06
CA PRO A 365 -4.36 -23.19 -7.05
C PRO A 365 -4.90 -22.28 -8.16
N GLY A 366 -4.73 -22.72 -9.39
CA GLY A 366 -5.11 -21.94 -10.58
C GLY A 366 -3.97 -21.08 -11.07
N PHE A 367 -2.85 -21.01 -10.36
CA PHE A 367 -1.65 -20.22 -10.79
C PHE A 367 -0.53 -21.19 -11.12
N ASP A 368 0.40 -20.79 -11.99
CA ASP A 368 1.49 -21.69 -12.41
C ASP A 368 2.72 -20.85 -12.73
N VAL A 369 3.87 -21.30 -12.25
CA VAL A 369 5.15 -20.60 -12.45
C VAL A 369 6.07 -21.48 -13.28
N SER A 370 6.67 -20.88 -14.30
CA SER A 370 7.86 -21.36 -15.05
C SER A 370 9.06 -20.51 -14.64
N LEU A 371 10.21 -21.16 -14.40
CA LEU A 371 11.49 -20.49 -14.15
C LEU A 371 12.33 -20.64 -15.42
N LEU A 372 12.55 -19.56 -16.17
CA LEU A 372 13.21 -19.64 -17.49
C LEU A 372 14.60 -19.01 -17.41
N ASP A 373 15.57 -19.58 -18.12
CA ASP A 373 16.93 -19.00 -18.26
C ASP A 373 16.83 -17.83 -19.25
N GLU A 374 17.95 -17.19 -19.54
CA GLU A 374 18.07 -16.03 -20.46
C GLU A 374 17.64 -16.39 -21.89
N HIS A 375 17.46 -17.67 -22.22
CA HIS A 375 17.06 -18.16 -23.58
C HIS A 375 15.59 -18.59 -23.62
N GLY A 376 14.85 -18.40 -22.51
CA GLY A 376 13.45 -18.81 -22.37
C GLY A 376 13.34 -20.30 -22.12
N ARG A 377 14.39 -20.95 -21.62
CA ARG A 377 14.43 -22.42 -21.43
C ARG A 377 14.11 -22.75 -19.97
N PRO A 378 13.22 -23.72 -19.67
CA PRO A 378 12.96 -24.11 -18.29
C PRO A 378 14.25 -24.48 -17.55
N VAL A 379 14.35 -24.01 -16.31
CA VAL A 379 15.42 -24.37 -15.35
C VAL A 379 14.89 -25.57 -14.54
N GLU A 380 15.45 -26.77 -14.75
CA GLU A 380 14.93 -28.03 -14.13
C GLU A 380 15.72 -28.39 -12.86
N GLU A 381 16.96 -27.91 -12.69
CA GLU A 381 17.83 -28.31 -11.55
C GLU A 381 17.41 -27.57 -10.25
N ILE A 382 17.12 -28.32 -9.18
CA ILE A 382 16.90 -27.82 -7.80
C ILE A 382 17.99 -26.80 -7.47
N GLY A 383 17.61 -25.60 -7.03
CA GLY A 383 18.54 -24.61 -6.47
C GLY A 383 19.12 -23.67 -7.51
N VAL A 384 18.85 -23.85 -8.82
CA VAL A 384 19.29 -22.83 -9.82
C VAL A 384 18.13 -21.87 -10.12
N ALA A 385 18.44 -20.57 -10.03
CA ALA A 385 17.53 -19.43 -10.24
C ALA A 385 17.22 -19.29 -11.74
N GLY A 386 15.95 -19.02 -12.04
CA GLY A 386 15.51 -18.52 -13.36
C GLY A 386 14.46 -17.44 -13.18
N GLN A 387 14.14 -16.73 -14.26
CA GLN A 387 13.14 -15.62 -14.22
C GLN A 387 11.73 -16.20 -14.14
N ILE A 388 10.96 -15.75 -13.15
CA ILE A 388 9.55 -16.17 -12.92
C ILE A 388 8.72 -15.67 -14.10
N HIS A 389 8.11 -16.60 -14.83
CA HIS A 389 7.01 -16.36 -15.81
C HIS A 389 5.74 -16.91 -15.17
N LEU A 390 4.70 -16.08 -14.99
CA LEU A 390 3.48 -16.53 -14.26
C LEU A 390 2.30 -16.71 -15.22
N ARG A 391 1.58 -17.83 -15.03
CA ARG A 391 0.26 -18.08 -15.64
C ARG A 391 -0.77 -17.88 -14.53
N ALA A 392 -1.70 -16.93 -14.70
CA ALA A 392 -2.63 -16.53 -13.60
C ALA A 392 -4.00 -16.20 -14.15
N PRO A 393 -5.08 -16.51 -13.41
CA PRO A 393 -6.42 -16.04 -13.75
C PRO A 393 -6.64 -14.59 -13.29
N SER A 394 -5.70 -14.01 -12.54
CA SER A 394 -5.82 -12.63 -11.98
C SER A 394 -4.90 -11.64 -12.70
N MET A 395 -4.55 -11.91 -13.95
CA MET A 395 -3.64 -11.05 -14.77
C MET A 395 -4.25 -9.66 -15.02
N PHE A 396 -3.44 -8.61 -14.90
CA PHE A 396 -3.78 -7.22 -15.33
C PHE A 396 -4.07 -7.26 -16.83
N SER A 397 -4.92 -6.36 -17.31
CA SER A 397 -5.32 -6.23 -18.73
C SER A 397 -4.19 -5.55 -19.52
N GLY A 398 -3.27 -4.88 -18.81
CA GLY A 398 -2.20 -4.07 -19.45
C GLY A 398 -1.92 -2.79 -18.68
N TYR A 399 -0.92 -2.03 -19.12
CA TYR A 399 -0.56 -0.70 -18.55
C TYR A 399 -1.33 0.38 -19.30
N TRP A 400 -1.99 1.24 -18.53
CA TRP A 400 -2.83 2.34 -19.06
C TRP A 400 -2.02 3.11 -20.13
N ASP A 401 -2.49 3.10 -21.37
CA ASP A 401 -1.98 3.94 -22.47
C ASP A 401 -0.49 3.64 -22.72
N ASP A 402 -0.05 2.39 -22.53
CA ASP A 402 1.38 2.04 -22.72
C ASP A 402 1.46 0.61 -23.25
N PRO A 403 1.05 0.39 -24.52
CA PRO A 403 1.08 -0.95 -25.12
C PRO A 403 2.51 -1.49 -25.27
N GLU A 404 3.52 -0.62 -25.41
CA GLU A 404 4.93 -1.09 -25.49
C GLU A 404 5.37 -1.67 -24.14
N ALA A 405 5.12 -0.99 -23.03
CA ALA A 405 5.43 -1.53 -21.67
C ALA A 405 4.65 -2.84 -21.50
N THR A 406 3.41 -2.91 -21.98
CA THR A 406 2.54 -4.10 -21.81
C THR A 406 3.17 -5.29 -22.54
N ALA A 407 3.57 -5.11 -23.80
CA ALA A 407 4.22 -6.15 -24.66
C ALA A 407 5.53 -6.66 -24.04
N ARG A 408 6.24 -5.84 -23.30
CA ARG A 408 7.51 -6.22 -22.61
C ARG A 408 7.23 -7.15 -21.43
N VAL A 409 6.02 -7.14 -20.88
CA VAL A 409 5.75 -7.76 -19.54
C VAL A 409 4.76 -8.93 -19.72
N LEU A 410 3.70 -8.73 -20.48
CA LEU A 410 2.68 -9.74 -20.84
C LEU A 410 3.12 -10.33 -22.20
N VAL A 411 3.81 -11.47 -22.19
CA VAL A 411 4.51 -12.02 -23.40
C VAL A 411 3.88 -13.35 -23.81
N SER A 412 4.05 -13.69 -25.08
CA SER A 412 3.76 -15.04 -25.62
C SER A 412 4.36 -16.11 -24.70
N ASP A 413 3.57 -17.10 -24.31
CA ASP A 413 4.04 -18.17 -23.40
C ASP A 413 5.24 -18.80 -24.09
N PRO A 414 6.47 -18.68 -23.57
CA PRO A 414 7.64 -19.28 -24.22
C PRO A 414 7.59 -20.81 -24.38
N LEU A 415 6.78 -21.50 -23.57
CA LEU A 415 6.53 -22.96 -23.63
C LEU A 415 5.33 -23.30 -24.53
N ASP A 416 4.63 -22.30 -25.09
CA ASP A 416 3.39 -22.48 -25.88
C ASP A 416 3.11 -21.24 -26.73
N PRO A 417 4.11 -20.74 -27.50
CA PRO A 417 4.00 -19.45 -28.18
C PRO A 417 2.89 -19.35 -29.25
N ARG A 418 2.48 -20.47 -29.83
CA ARG A 418 1.58 -20.48 -31.00
C ARG A 418 0.10 -20.41 -30.61
N SER A 419 -0.26 -20.62 -29.34
CA SER A 419 -1.67 -20.66 -28.90
C SER A 419 -2.26 -19.25 -28.78
N GLY A 420 -1.40 -18.22 -28.75
CA GLY A 420 -1.79 -16.84 -28.43
C GLY A 420 -1.79 -16.56 -26.94
N ARG A 421 -1.59 -17.57 -26.11
CA ARG A 421 -1.63 -17.41 -24.63
C ARG A 421 -0.44 -16.59 -24.14
N THR A 422 -0.62 -15.85 -23.06
CA THR A 422 0.40 -14.94 -22.51
C THR A 422 0.75 -15.36 -21.10
N VAL A 423 1.88 -14.85 -20.62
CA VAL A 423 2.41 -15.07 -19.25
C VAL A 423 2.94 -13.73 -18.76
N LEU A 424 3.05 -13.56 -17.44
CA LEU A 424 3.69 -12.37 -16.86
C LEU A 424 5.17 -12.70 -16.74
N ARG A 425 5.99 -11.99 -17.50
CA ARG A 425 7.47 -11.97 -17.32
C ARG A 425 7.75 -10.98 -16.19
N SER A 426 8.11 -11.46 -14.99
CA SER A 426 8.05 -10.72 -13.70
C SER A 426 9.30 -9.87 -13.40
N GLY A 427 10.46 -10.16 -14.00
CA GLY A 427 11.72 -9.50 -13.60
C GLY A 427 12.33 -10.08 -12.33
N ASP A 428 11.56 -10.87 -11.56
CA ASP A 428 11.99 -11.61 -10.36
C ASP A 428 12.70 -12.89 -10.79
N LEU A 429 13.75 -13.26 -10.05
CA LEU A 429 14.40 -14.59 -10.12
C LEU A 429 13.90 -15.40 -8.92
N ALA A 430 13.78 -16.72 -9.08
CA ALA A 430 13.60 -17.67 -7.98
C ALA A 430 14.24 -19.00 -8.37
N TYR A 431 14.39 -19.88 -7.40
CA TYR A 431 14.81 -21.28 -7.57
C TYR A 431 13.84 -22.10 -6.73
N ARG A 432 13.75 -23.40 -7.03
CA ARG A 432 12.92 -24.36 -6.29
C ARG A 432 13.80 -25.10 -5.28
N GLY A 433 13.20 -25.52 -4.15
CA GLY A 433 13.83 -26.42 -3.18
C GLY A 433 13.52 -27.85 -3.54
N GLU A 434 13.78 -28.78 -2.62
CA GLU A 434 13.74 -30.24 -2.88
C GLU A 434 12.27 -30.68 -2.95
N ASP A 435 11.37 -29.93 -2.30
CA ASP A 435 9.92 -30.20 -2.29
C ASP A 435 9.23 -29.38 -3.38
N GLY A 436 10.00 -28.61 -4.15
CA GLY A 436 9.52 -27.77 -5.25
C GLY A 436 9.10 -26.38 -4.77
N GLU A 437 9.20 -26.10 -3.46
CA GLU A 437 8.86 -24.76 -2.91
C GLU A 437 9.75 -23.72 -3.60
N LEU A 438 9.29 -22.49 -3.69
CA LEU A 438 10.03 -21.40 -4.38
C LEU A 438 10.80 -20.56 -3.35
N TYR A 439 11.91 -19.95 -3.81
CA TYR A 439 12.80 -19.06 -3.04
C TYR A 439 13.12 -17.86 -3.91
N PHE A 440 12.74 -16.67 -3.44
CA PHE A 440 13.04 -15.40 -4.13
C PHE A 440 14.56 -15.22 -4.15
N ALA A 441 15.12 -14.82 -5.28
CA ALA A 441 16.58 -14.70 -5.49
C ALA A 441 16.90 -13.36 -6.14
N GLY A 442 16.15 -12.32 -5.79
CA GLY A 442 16.43 -10.96 -6.29
C GLY A 442 15.86 -10.81 -7.67
N ARG A 443 16.43 -9.91 -8.46
CA ARG A 443 15.85 -9.45 -9.74
C ARG A 443 16.91 -9.39 -10.83
N VAL A 444 16.45 -9.21 -12.05
CA VAL A 444 17.27 -9.17 -13.30
C VAL A 444 17.70 -7.73 -13.55
N ASP A 445 17.13 -6.77 -12.82
CA ASP A 445 17.38 -5.32 -12.95
C ASP A 445 17.77 -4.72 -11.58
N ALA A 446 17.85 -3.39 -11.50
CA ALA A 446 18.30 -2.64 -10.30
C ALA A 446 17.13 -2.37 -9.34
N GLN A 447 15.95 -2.96 -9.55
CA GLN A 447 14.75 -2.61 -8.76
C GLN A 447 15.03 -3.01 -7.31
N VAL A 448 14.69 -2.13 -6.37
CA VAL A 448 14.74 -2.42 -4.91
C VAL A 448 13.35 -2.15 -4.36
N GLN A 449 13.07 -2.62 -3.15
CA GLN A 449 11.80 -2.36 -2.43
C GLN A 449 12.10 -1.37 -1.28
N ILE A 450 11.28 -0.34 -1.13
CA ILE A 450 11.28 0.55 0.07
C ILE A 450 9.88 0.46 0.68
N ARG A 451 9.75 -0.17 1.85
CA ARG A 451 8.45 -0.45 2.52
C ARG A 451 7.54 -1.18 1.52
N GLY A 452 8.10 -2.14 0.77
CA GLY A 452 7.35 -2.98 -0.18
C GLY A 452 6.96 -2.28 -1.48
N ASN A 453 7.34 -1.01 -1.64
CA ASN A 453 7.09 -0.22 -2.88
C ASN A 453 8.26 -0.45 -3.84
N ARG A 454 7.96 -0.82 -5.09
CA ARG A 454 8.95 -0.92 -6.18
C ARG A 454 9.67 0.42 -6.29
N VAL A 455 10.98 0.40 -6.48
CA VAL A 455 11.77 1.63 -6.73
C VAL A 455 12.87 1.28 -7.74
N GLU A 456 12.97 2.06 -8.82
CA GLU A 456 14.09 1.97 -9.80
C GLU A 456 15.05 3.08 -9.41
N PRO A 457 16.20 2.74 -8.76
CA PRO A 457 17.12 3.75 -8.28
C PRO A 457 17.51 4.72 -9.40
N GLY A 458 17.65 4.20 -10.63
CA GLY A 458 17.93 4.96 -11.86
C GLY A 458 16.96 6.11 -12.05
N GLU A 459 15.70 5.94 -11.66
CA GLU A 459 14.64 6.98 -11.78
C GLU A 459 14.93 8.14 -10.82
N VAL A 460 15.22 7.87 -9.54
CA VAL A 460 15.57 8.92 -8.54
C VAL A 460 16.82 9.65 -9.03
N GLU A 461 17.78 8.90 -9.60
CA GLU A 461 19.08 9.39 -10.13
C GLU A 461 18.85 10.36 -11.30
N ARG A 462 18.04 9.94 -12.28
CA ARG A 462 17.64 10.73 -13.47
C ARG A 462 17.08 12.09 -13.00
N ARG A 463 16.18 12.05 -12.01
CA ARG A 463 15.47 13.23 -11.45
C ARG A 463 16.45 14.19 -10.79
N LEU A 464 17.31 13.71 -9.87
CA LEU A 464 18.32 14.55 -9.18
C LEU A 464 19.32 15.10 -10.22
N LEU A 465 19.59 14.36 -11.30
CA LEU A 465 20.50 14.80 -12.39
C LEU A 465 19.92 16.02 -13.11
N GLU A 466 18.60 16.21 -13.03
CA GLU A 466 17.90 17.32 -13.73
C GLU A 466 17.70 18.52 -12.78
N PHE A 467 17.96 18.36 -11.47
CA PHE A 467 18.01 19.47 -10.48
C PHE A 467 19.17 20.37 -10.88
N PRO A 468 18.96 21.71 -11.02
CA PRO A 468 20.01 22.58 -11.50
C PRO A 468 21.12 22.56 -10.44
N GLY A 469 22.36 22.23 -10.84
CA GLY A 469 23.53 22.14 -9.96
C GLY A 469 24.19 20.76 -9.98
N ILE A 470 23.45 19.70 -10.34
CA ILE A 470 23.87 18.27 -10.14
C ILE A 470 24.29 17.64 -11.48
N SER A 471 25.52 17.13 -11.55
CA SER A 471 26.17 16.56 -12.76
C SER A 471 26.16 15.03 -12.74
N ALA A 472 26.37 14.41 -11.57
CA ALA A 472 26.30 12.95 -11.32
C ALA A 472 25.44 12.67 -10.09
N ALA A 473 24.75 11.52 -10.05
CA ALA A 473 23.88 11.09 -8.95
C ALA A 473 23.84 9.56 -8.84
N VAL A 474 23.74 9.05 -7.62
CA VAL A 474 23.57 7.60 -7.32
C VAL A 474 22.64 7.47 -6.12
N ALA A 475 21.60 6.67 -6.27
CA ALA A 475 20.61 6.34 -5.22
C ALA A 475 20.86 4.89 -4.76
N LEU A 476 21.07 4.64 -3.48
CA LEU A 476 21.14 3.23 -3.00
C LEU A 476 20.47 3.07 -1.63
N LEU A 477 19.97 1.85 -1.37
CA LEU A 477 19.48 1.41 -0.03
C LEU A 477 20.67 1.20 0.89
N VAL A 478 20.75 1.97 1.98
CA VAL A 478 21.82 1.90 3.02
C VAL A 478 21.20 1.39 4.33
N PRO A 479 21.82 0.39 5.00
CA PRO A 479 21.24 -0.22 6.20
C PRO A 479 21.45 0.63 7.47
N ASN A 483 17.42 -1.83 12.19
CA ASN A 483 16.42 -0.87 11.62
C ASN A 483 16.33 -1.09 10.11
N ASP A 484 15.31 -0.52 9.45
CA ASP A 484 15.02 -0.70 8.00
C ASP A 484 16.02 0.12 7.18
N PRO A 485 16.32 -0.29 5.93
CA PRO A 485 17.27 0.43 5.09
C PRO A 485 16.66 1.73 4.51
N VAL A 486 17.50 2.73 4.25
CA VAL A 486 17.08 4.11 3.86
C VAL A 486 17.64 4.40 2.46
N LEU A 487 16.88 5.13 1.64
CA LEU A 487 17.32 5.54 0.28
C LEU A 487 18.26 6.73 0.44
N HIS A 488 19.52 6.58 0.02
CA HIS A 488 20.54 7.63 0.08
C HIS A 488 20.89 8.06 -1.34
N ALA A 489 20.91 9.35 -1.58
CA ALA A 489 21.35 9.96 -2.85
C ALA A 489 22.73 10.55 -2.64
N PHE A 490 23.67 10.19 -3.48
CA PHE A 490 25.03 10.80 -3.53
C PHE A 490 25.11 11.56 -4.85
N VAL A 491 25.46 12.85 -4.78
CA VAL A 491 25.39 13.78 -5.93
C VAL A 491 26.71 14.56 -6.03
N VAL A 492 27.09 14.83 -7.27
CA VAL A 492 28.25 15.68 -7.66
C VAL A 492 27.67 17.02 -8.11
N VAL A 493 28.14 18.12 -7.52
CA VAL A 493 27.59 19.49 -7.71
C VAL A 493 28.76 20.45 -7.94
N PHE A 500 24.50 24.72 -2.88
CA PHE A 500 23.66 23.50 -2.99
C PHE A 500 22.80 23.34 -1.73
N ASP A 501 21.49 23.35 -1.94
CA ASP A 501 20.45 23.28 -0.87
C ASP A 501 19.82 21.89 -0.91
N LYS A 502 20.29 20.99 -0.03
CA LYS A 502 19.80 19.59 0.07
C LYS A 502 18.30 19.59 0.40
N ALA A 503 17.81 20.58 1.15
CA ALA A 503 16.37 20.73 1.48
C ALA A 503 15.57 21.09 0.22
N LYS A 504 16.09 21.97 -0.63
CA LYS A 504 15.45 22.37 -1.91
C LYS A 504 15.48 21.21 -2.91
N ALA A 505 16.63 20.55 -3.08
CA ALA A 505 16.73 19.34 -3.93
C ALA A 505 15.75 18.28 -3.44
N ARG A 506 15.52 18.19 -2.12
CA ARG A 506 14.52 17.25 -1.57
C ARG A 506 13.14 17.59 -2.15
N ALA A 507 12.68 18.83 -1.99
CA ALA A 507 11.38 19.33 -2.49
C ALA A 507 11.25 19.07 -4.00
N PHE A 508 12.28 19.38 -4.79
CA PHE A 508 12.31 19.14 -6.26
C PHE A 508 12.02 17.66 -6.57
N CYS A 509 12.55 16.75 -5.74
CA CYS A 509 12.17 15.31 -5.72
C CYS A 509 10.72 15.20 -5.24
N ALA A 510 10.40 15.80 -4.10
CA ALA A 510 9.05 15.80 -3.48
C ALA A 510 8.15 16.80 -4.20
N LEU A 513 8.61 12.99 -8.08
CA LEU A 513 8.74 11.59 -7.58
C LEU A 513 7.68 11.30 -6.51
N PRO A 514 7.20 10.04 -6.39
CA PRO A 514 6.33 9.63 -5.27
C PRO A 514 7.02 9.79 -3.92
N GLY A 515 6.29 9.52 -2.85
CA GLY A 515 6.77 9.62 -1.45
C GLY A 515 7.95 8.71 -1.18
N TYR A 516 7.75 7.39 -1.27
CA TYR A 516 8.72 6.34 -0.86
C TYR A 516 10.00 6.42 -1.70
N MET A 517 9.98 7.21 -2.78
CA MET A 517 11.08 7.33 -3.77
C MET A 517 11.94 8.58 -3.48
N ILE A 518 11.70 9.27 -2.36
CA ILE A 518 12.39 10.55 -1.99
C ILE A 518 13.52 10.25 -1.02
N PRO A 519 14.78 10.61 -1.34
CA PRO A 519 15.93 10.17 -0.55
C PRO A 519 15.79 10.64 0.90
N ALA A 520 16.12 9.76 1.85
CA ALA A 520 16.20 10.10 3.29
C ALA A 520 17.39 11.03 3.51
N ASN A 521 18.29 11.14 2.53
CA ASN A 521 19.45 12.07 2.60
C ASN A 521 20.03 12.26 1.19
N ILE A 522 20.53 13.46 0.93
CA ILE A 522 21.20 13.84 -0.35
C ILE A 522 22.56 14.45 0.00
N VAL A 523 23.62 13.67 -0.14
CA VAL A 523 24.99 13.99 0.30
C VAL A 523 25.79 14.39 -0.95
N ALA A 524 26.19 15.66 -1.04
CA ALA A 524 27.12 16.19 -2.07
C ALA A 524 28.47 15.50 -1.89
N VAL A 525 29.08 15.03 -2.99
CA VAL A 525 30.35 14.25 -2.96
C VAL A 525 31.20 14.71 -4.15
N ASP A 526 32.53 14.68 -4.01
CA ASP A 526 33.50 15.23 -5.01
C ASP A 526 33.44 14.38 -6.28
N ASP A 527 33.44 13.05 -6.14
CA ASP A 527 33.40 12.07 -7.25
C ASP A 527 32.58 10.84 -6.81
N ILE A 528 31.87 10.21 -7.74
CA ILE A 528 31.19 8.90 -7.55
C ILE A 528 32.24 7.80 -7.65
N PRO A 529 32.58 7.12 -6.53
CA PRO A 529 33.65 6.12 -6.51
C PRO A 529 33.22 4.78 -7.13
N LEU A 530 33.99 4.29 -8.12
CA LEU A 530 33.77 2.99 -8.80
C LEU A 530 34.74 1.96 -8.21
N TRP B 18 14.56 25.63 24.59
CA TRP B 18 14.90 24.17 24.72
C TRP B 18 16.38 23.99 25.07
N ASP B 19 16.72 22.91 25.78
CA ASP B 19 18.09 22.63 26.30
C ASP B 19 18.96 22.01 25.16
N ASP B 20 20.27 21.90 25.39
CA ASP B 20 21.25 21.46 24.36
C ASP B 20 21.03 19.99 24.00
N GLN B 21 20.57 19.18 24.95
CA GLN B 21 20.28 17.74 24.73
C GLN B 21 19.20 17.62 23.64
N PHE B 22 18.09 18.37 23.78
CA PHE B 22 16.91 18.32 22.86
C PHE B 22 17.35 18.64 21.44
N GLU B 23 18.01 19.76 21.21
CA GLU B 23 18.47 20.12 19.85
C GLU B 23 19.28 18.97 19.26
N ALA B 24 20.21 18.39 20.03
CA ALA B 24 21.15 17.35 19.55
C ALA B 24 20.37 16.10 19.11
N ILE B 25 19.36 15.67 19.89
CA ILE B 25 18.51 14.48 19.62
C ILE B 25 17.71 14.74 18.34
N VAL B 26 16.98 15.86 18.27
CA VAL B 26 16.14 16.20 17.09
C VAL B 26 17.00 16.23 15.82
N ARG B 27 18.18 16.87 15.89
CA ARG B 27 19.13 17.00 14.75
C ARG B 27 19.47 15.62 14.17
N ARG B 28 19.55 14.61 15.02
CA ARG B 28 19.81 13.19 14.62
C ARG B 28 18.80 12.74 13.57
N TYR B 29 17.53 13.14 13.66
CA TYR B 29 16.41 12.56 12.87
C TYR B 29 16.00 13.48 11.72
N VAL B 30 16.76 14.54 11.43
CA VAL B 30 16.45 15.51 10.34
C VAL B 30 17.71 15.68 9.50
N PRO B 31 18.06 14.67 8.68
CA PRO B 31 19.25 14.73 7.84
C PRO B 31 19.35 15.89 6.82
N PHE B 32 18.26 16.58 6.48
CA PHE B 32 18.33 17.67 5.46
C PHE B 32 18.70 19.00 6.10
N LEU B 33 18.81 19.02 7.43
CA LEU B 33 19.28 20.20 8.21
C LEU B 33 20.80 20.17 8.24
N GLY B 34 21.43 21.17 7.61
CA GLY B 34 22.89 21.32 7.61
C GLY B 34 23.44 21.45 9.03
N PRO B 35 24.63 20.88 9.34
CA PRO B 35 25.31 21.15 10.59
C PRO B 35 25.36 22.64 10.91
N ASP B 36 25.67 23.47 9.91
CA ASP B 36 25.86 24.95 10.02
C ASP B 36 24.52 25.68 10.20
N GLU B 37 23.38 25.02 9.95
CA GLU B 37 22.05 25.67 9.88
C GLU B 37 21.39 25.62 11.25
N ARG B 38 20.76 26.74 11.64
CA ARG B 38 19.96 26.88 12.87
C ARG B 38 18.80 25.87 12.80
N LEU B 39 18.53 25.12 13.86
CA LEU B 39 17.24 24.42 14.01
C LEU B 39 16.18 25.46 14.37
N GLY B 40 15.40 25.91 13.38
CA GLY B 40 14.28 26.84 13.60
C GLY B 40 13.15 26.18 14.38
N GLY B 41 12.68 26.82 15.44
CA GLY B 41 11.58 26.30 16.28
C GLY B 41 10.34 25.94 15.46
N GLY B 42 10.06 26.67 14.40
CA GLY B 42 8.86 26.45 13.56
C GLY B 42 9.11 25.59 12.34
N SER B 43 10.32 25.04 12.17
CA SER B 43 10.68 24.23 10.99
C SER B 43 9.80 22.98 10.95
N GLU B 44 9.16 22.72 9.80
CA GLU B 44 8.38 21.50 9.55
C GLU B 44 9.40 20.35 9.45
N LEU B 45 9.50 19.53 10.49
CA LEU B 45 10.53 18.47 10.61
C LEU B 45 10.38 17.45 9.46
N ARG B 46 9.15 17.25 8.97
CA ARG B 46 8.88 16.35 7.81
C ARG B 46 9.67 16.85 6.58
N ASP B 47 9.85 18.16 6.47
CA ASP B 47 10.48 18.82 5.29
C ASP B 47 12.00 18.71 5.39
N LEU B 48 12.50 18.43 6.59
CA LEU B 48 13.94 18.25 6.88
C LEU B 48 14.30 16.76 6.99
N GLY B 49 13.38 15.89 6.58
CA GLY B 49 13.62 14.43 6.42
C GLY B 49 13.02 13.59 7.54
N LEU B 50 12.25 14.15 8.47
CA LEU B 50 11.67 13.29 9.54
C LEU B 50 10.52 12.49 8.93
N ASP B 51 10.64 11.16 8.85
CA ASP B 51 9.60 10.29 8.25
C ASP B 51 8.89 9.47 9.34
N SER B 52 8.04 8.52 8.95
CA SER B 52 7.19 7.70 9.83
C SER B 52 8.06 6.99 10.88
N MET B 53 9.03 6.18 10.42
CA MET B 53 9.95 5.38 11.27
C MET B 53 10.76 6.34 12.15
N GLY B 54 11.34 7.36 11.50
CA GLY B 54 12.16 8.43 12.10
C GLY B 54 11.49 9.04 13.30
N THR B 55 10.21 9.36 13.16
CA THR B 55 9.38 9.99 14.21
C THR B 55 9.34 9.09 15.44
N VAL B 56 9.12 7.78 15.26
CA VAL B 56 9.08 6.80 16.39
C VAL B 56 10.48 6.72 17.03
N GLU B 57 11.55 6.80 16.23
CA GLU B 57 12.94 6.74 16.77
C GLU B 57 13.16 8.00 17.63
N LEU B 58 12.72 9.16 17.14
CA LEU B 58 12.83 10.46 17.88
C LEU B 58 12.03 10.35 19.19
N LEU B 59 10.79 9.87 19.14
CA LEU B 59 10.00 9.63 20.38
C LEU B 59 10.83 8.81 21.39
N ALA B 60 11.30 7.65 20.97
CA ALA B 60 12.05 6.68 21.80
C ALA B 60 13.32 7.32 22.37
N ALA B 61 14.08 8.08 21.56
CA ALA B 61 15.30 8.80 21.98
C ALA B 61 14.92 9.81 23.07
N LEU B 62 13.82 10.56 22.91
CA LEU B 62 13.38 11.58 23.91
C LEU B 62 12.92 10.86 25.17
N GLU B 63 12.09 9.84 25.04
CA GLU B 63 11.61 9.14 26.26
C GLU B 63 12.83 8.61 27.03
N GLN B 64 13.88 8.22 26.32
CA GLN B 64 15.02 7.47 26.91
C GLN B 64 15.93 8.46 27.65
N ALA B 65 16.23 9.59 27.01
CA ALA B 65 17.15 10.66 27.45
C ALA B 65 16.53 11.48 28.58
N TYR B 66 15.20 11.66 28.59
CA TYR B 66 14.47 12.48 29.60
C TYR B 66 13.82 11.61 30.67
N GLY B 67 13.65 10.30 30.45
CA GLY B 67 12.82 9.47 31.34
C GLY B 67 11.36 9.90 31.25
N ALA B 68 10.99 10.51 30.14
CA ALA B 68 9.64 11.07 29.85
C ALA B 68 8.77 9.97 29.24
N ARG B 69 7.46 10.05 29.50
CA ARG B 69 6.42 9.15 28.97
C ARG B 69 5.39 9.99 28.22
N PHE B 70 5.28 9.83 26.91
CA PHE B 70 4.21 10.49 26.11
C PHE B 70 2.95 9.69 26.28
N VAL B 71 1.90 10.28 26.86
CA VAL B 71 0.58 9.60 26.97
C VAL B 71 0.04 9.40 25.54
N ASP B 72 -0.88 8.45 25.37
CA ASP B 72 -1.45 8.06 24.05
C ASP B 72 -1.90 9.33 23.30
N ASP B 73 -2.62 10.24 23.97
CA ASP B 73 -3.21 11.48 23.40
C ASP B 73 -2.12 12.42 22.86
N ALA B 74 -0.88 12.33 23.38
CA ALA B 74 0.24 13.21 23.03
C ALA B 74 0.96 12.67 21.78
N LEU B 75 0.67 11.42 21.42
CA LEU B 75 1.31 10.73 20.27
C LEU B 75 0.49 11.04 19.03
N ASN B 76 0.81 12.15 18.37
CA ASN B 76 0.07 12.63 17.18
C ASN B 76 1.02 13.51 16.35
N MET B 77 0.68 13.75 15.10
CA MET B 77 1.53 14.45 14.11
C MET B 77 1.66 15.93 14.49
N GLU B 78 0.65 16.54 15.11
CA GLU B 78 0.66 17.98 15.47
C GLU B 78 1.80 18.23 16.47
N ASN B 79 1.93 17.38 17.49
CA ASN B 79 2.94 17.52 18.57
C ASN B 79 4.35 17.32 18.03
N PHE B 80 4.53 16.58 16.94
CA PHE B 80 5.88 16.25 16.38
C PHE B 80 6.18 17.05 15.11
N ALA B 81 5.33 18.01 14.71
CA ALA B 81 5.44 18.71 13.41
C ALA B 81 6.65 19.65 13.41
N THR B 82 6.92 20.26 14.57
CA THR B 82 7.94 21.33 14.74
C THR B 82 8.69 21.11 16.05
N PRO B 83 9.95 21.56 16.11
CA PRO B 83 10.72 21.51 17.35
C PRO B 83 10.00 22.21 18.51
N ASP B 84 9.31 23.35 18.24
CA ASP B 84 8.63 24.15 19.29
C ASP B 84 7.43 23.37 19.83
N ALA B 85 6.67 22.70 18.96
CA ALA B 85 5.50 21.88 19.32
C ALA B 85 5.96 20.66 20.13
N LEU B 86 7.06 20.05 19.71
CA LEU B 86 7.60 18.81 20.36
C LEU B 86 8.25 19.20 21.70
N TRP B 87 8.93 20.34 21.79
CA TRP B 87 9.54 20.77 23.07
C TRP B 87 8.43 21.03 24.10
N ALA B 88 7.33 21.68 23.70
CA ALA B 88 6.21 21.97 24.60
C ALA B 88 5.56 20.67 25.04
N THR B 89 5.46 19.70 24.14
CA THR B 89 4.78 18.40 24.43
C THR B 89 5.62 17.61 25.43
N LEU B 90 6.91 17.48 25.15
CA LEU B 90 7.90 16.91 26.11
C LEU B 90 7.74 17.61 27.47
N SER B 91 7.82 18.93 27.47
CA SER B 91 7.70 19.73 28.72
C SER B 91 6.40 19.35 29.45
N ARG B 92 5.28 19.23 28.74
CA ARG B 92 3.97 18.86 29.35
C ARG B 92 4.06 17.46 29.96
N MET B 93 4.79 16.54 29.31
CA MET B 93 4.86 15.14 29.77
C MET B 93 5.64 15.09 31.10
N ILE B 94 6.79 15.77 31.17
CA ILE B 94 7.63 15.86 32.40
C ILE B 94 6.76 16.35 33.57
N THR B 95 6.14 17.54 33.44
CA THR B 95 5.15 18.13 34.38
C THR B 95 4.20 17.05 34.91
#